data_6KX1
#
_entry.id   6KX1
#
_cell.length_a   159.920
_cell.length_b   39.980
_cell.length_c   63.870
_cell.angle_alpha   90.000
_cell.angle_beta   100.560
_cell.angle_gamma   90.000
#
_symmetry.space_group_name_H-M   'C 1 2 1'
#
loop_
_entity.id
_entity.type
_entity.pdbx_description
1 polymer 'Fab Fragment-SN-101-Heavy chain'
2 polymer 'Fab Fragment-SN-101-Light chain'
3 polymer 'Synthetic MUC1 glycopepide'
4 non-polymer 2-acetamido-2-deoxy-alpha-D-galactopyranose
5 water water
#
loop_
_entity_poly.entity_id
_entity_poly.type
_entity_poly.pdbx_seq_one_letter_code
_entity_poly.pdbx_strand_id
1 'polypeptide(L)'
;MDLRLSCAFIIVLLKGVQSEVNLEESGGGLVQPGGSMKLSCVASGFTFSNYWMNWVRQSPEKGLEWVAQIRLKSDNYATH
YAESVKGRFTISRDDSKSSVYLQMNNLRAEDTGIYYCTGGVFDYWGQGTTLTVSSSKTTPPSVYPLAPGSAAQTNSMVTL
GCLVKGYFPEPVTVTWNSGALSSGVHTFPAVLQSDLYTLSSSVTVPSSTWPSQTVTCNVAHPASSTKVDKKIVPRD
;
A
2 'polypeptide(L)'
;MKLPVRLLVLMFWIPASSSDVVMTQTPLSLPVSLGDQASISCRSSQSLVHSNGNTYLHWYLQKPGQSPKLLIYKVSNRFS
GVPDRFSGSGSGTDFTLKISRVEAEDLGVYFCSQSTHVPPWTFGGGTKLEIKRADAAPTVSIFPPSSEQLTSGGASVVCF
LNNFYPKDINVKWKIDGSERQNGVLNSWTDQDSKDSTYSMSSTLTLTKDEYERHNSYTCEATHKTSTSPIVKSFNRNEC
;
B
3 'polypeptide(L)' (ACE)VTSAPDTRPAPGSTA C
#
loop_
_chem_comp.id
_chem_comp.type
_chem_comp.name
_chem_comp.formula
A2G D-saccharide, alpha linking 2-acetamido-2-deoxy-alpha-D-galactopyranose 'C8 H15 N O6'
ACE non-polymer 'ACETYL GROUP' 'C2 H4 O'
#
# COMPACT_ATOMS: atom_id res chain seq x y z
N VAL A 21 4.69 5.56 -19.32
CA VAL A 21 5.13 6.74 -18.52
C VAL A 21 5.71 6.29 -17.18
N ASN A 22 6.85 6.86 -16.80
CA ASN A 22 7.50 6.51 -15.56
C ASN A 22 7.92 7.79 -14.84
N LEU A 23 7.61 7.85 -13.55
CA LEU A 23 8.09 8.90 -12.65
C LEU A 23 8.68 8.20 -11.44
N GLU A 24 9.93 8.49 -11.14
CA GLU A 24 10.64 7.80 -10.06
C GLU A 24 11.07 8.83 -9.04
N GLU A 25 10.67 8.63 -7.79
CA GLU A 25 10.97 9.55 -6.71
C GLU A 25 12.15 9.04 -5.87
N SER A 26 12.83 9.98 -5.23
CA SER A 26 13.91 9.66 -4.31
C SER A 26 13.93 10.71 -3.21
N GLY A 27 14.72 10.45 -2.18
CA GLY A 27 14.64 11.19 -0.95
C GLY A 27 13.59 10.61 -0.03
N GLY A 28 13.54 11.16 1.18
CA GLY A 28 12.63 10.69 2.19
C GLY A 28 13.34 10.00 3.34
N GLY A 29 12.63 9.11 4.00
CA GLY A 29 13.15 8.45 5.18
C GLY A 29 12.75 9.15 6.46
N LEU A 30 13.56 9.03 7.49
CA LEU A 30 13.26 9.57 8.80
C LEU A 30 13.92 10.95 8.94
N VAL A 31 13.14 11.95 9.33
CA VAL A 31 13.67 13.27 9.57
C VAL A 31 13.25 13.70 10.95
N GLN A 32 14.16 14.34 11.66
CA GLN A 32 13.80 14.81 13.00
C GLN A 32 12.90 16.04 12.89
N PRO A 33 12.01 16.24 13.86
CA PRO A 33 11.17 17.44 13.85
C PRO A 33 11.99 18.72 13.71
N GLY A 34 11.48 19.66 12.93
CA GLY A 34 12.21 20.86 12.59
C GLY A 34 13.22 20.70 11.49
N GLY A 35 13.53 19.47 11.07
CA GLY A 35 14.57 19.25 10.10
C GLY A 35 14.09 19.51 8.69
N SER A 36 14.98 19.23 7.73
CA SER A 36 14.75 19.52 6.34
C SER A 36 14.93 18.25 5.52
N MET A 37 14.40 18.27 4.31
CA MET A 37 14.48 17.13 3.40
C MET A 37 14.16 17.62 2.00
N LYS A 38 14.79 17.00 1.03
CA LYS A 38 14.56 17.30 -0.37
C LYS A 38 14.12 16.01 -1.06
N LEU A 39 12.93 16.03 -1.63
CA LEU A 39 12.48 14.93 -2.49
C LEU A 39 12.77 15.27 -3.93
N SER A 40 13.10 14.25 -4.71
CA SER A 40 13.35 14.43 -6.13
C SER A 40 12.50 13.44 -6.92
N CYS A 41 12.22 13.82 -8.17
CA CYS A 41 11.44 13.02 -9.09
C CYS A 41 12.00 13.18 -10.49
N VAL A 42 12.23 12.06 -11.16
CA VAL A 42 12.66 12.03 -12.56
C VAL A 42 11.58 11.36 -13.38
N ALA A 43 11.21 11.99 -14.49
CA ALA A 43 10.10 11.55 -15.31
C ALA A 43 10.53 11.25 -16.75
N SER A 44 9.82 10.30 -17.36
CA SER A 44 10.04 9.93 -18.74
C SER A 44 8.71 9.50 -19.36
N GLY A 45 8.57 9.71 -20.67
CA GLY A 45 7.46 9.14 -21.42
C GLY A 45 6.39 10.12 -21.80
N PHE A 46 6.45 11.35 -21.29
CA PHE A 46 5.53 12.40 -21.70
C PHE A 46 6.33 13.68 -21.86
N THR A 47 5.70 14.68 -22.45
CA THR A 47 6.41 15.92 -22.76
C THR A 47 6.43 16.76 -21.48
N PHE A 48 7.43 16.45 -20.64
CA PHE A 48 7.51 16.97 -19.28
C PHE A 48 7.38 18.47 -19.23
N SER A 49 8.03 19.16 -20.16
CA SER A 49 8.13 20.61 -20.11
C SER A 49 6.80 21.28 -20.36
N ASN A 50 5.78 20.56 -20.84
CA ASN A 50 4.48 21.17 -21.05
C ASN A 50 3.44 20.75 -20.02
N TYR A 51 3.85 20.09 -18.95
CA TYR A 51 2.93 19.67 -17.90
C TYR A 51 3.20 20.43 -16.61
N TRP A 52 2.14 20.89 -15.98
CA TRP A 52 2.25 21.24 -14.57
C TRP A 52 2.66 19.99 -13.79
N MET A 53 3.59 20.16 -12.86
CA MET A 53 4.04 19.06 -12.02
C MET A 53 3.62 19.32 -10.58
N ASN A 54 3.37 18.24 -9.85
CA ASN A 54 2.83 18.37 -8.51
C ASN A 54 3.40 17.29 -7.60
N TRP A 55 3.35 17.59 -6.31
CA TRP A 55 3.50 16.59 -5.25
C TRP A 55 2.18 16.41 -4.52
N VAL A 56 1.85 15.15 -4.23
CA VAL A 56 0.63 14.72 -3.55
C VAL A 56 1.10 13.77 -2.46
N ARG A 57 0.57 13.91 -1.26
CA ARG A 57 0.94 12.98 -0.20
C ARG A 57 -0.29 12.19 0.23
N GLN A 58 -0.04 11.00 0.79
CA GLN A 58 -1.08 10.04 1.16
C GLN A 58 -0.79 9.56 2.58
N SER A 59 -1.79 9.65 3.44
CA SER A 59 -1.67 9.23 4.83
C SER A 59 -2.99 8.66 5.29
N PRO A 60 -2.98 7.73 6.26
CA PRO A 60 -4.25 7.26 6.81
C PRO A 60 -5.14 8.38 7.32
N GLU A 61 -4.55 9.40 7.95
CA GLU A 61 -5.34 10.44 8.63
C GLU A 61 -5.93 11.45 7.64
N LYS A 62 -5.22 11.79 6.58
CA LYS A 62 -5.69 12.80 5.65
C LYS A 62 -6.07 12.27 4.28
N GLY A 63 -5.86 10.99 4.01
CA GLY A 63 -6.11 10.51 2.66
C GLY A 63 -5.09 11.08 1.69
N LEU A 64 -5.54 11.25 0.44
CA LEU A 64 -4.74 11.90 -0.59
C LEU A 64 -4.87 13.41 -0.45
N GLU A 65 -3.72 14.09 -0.39
CA GLU A 65 -3.67 15.53 -0.18
C GLU A 65 -2.68 16.16 -1.15
N TRP A 66 -3.18 16.99 -2.04
CA TRP A 66 -2.31 17.78 -2.90
C TRP A 66 -1.47 18.74 -2.08
N VAL A 67 -0.17 18.80 -2.36
CA VAL A 67 0.80 19.55 -1.56
C VAL A 67 1.30 20.80 -2.27
N ALA A 68 1.69 20.68 -3.54
CA ALA A 68 2.40 21.78 -4.21
C ALA A 68 2.34 21.58 -5.72
N GLN A 69 2.38 22.70 -6.46
CA GLN A 69 2.32 22.70 -7.90
C GLN A 69 3.35 23.68 -8.47
N ILE A 70 4.01 23.26 -9.56
CA ILE A 70 4.88 24.13 -10.33
C ILE A 70 4.39 24.13 -11.79
N ARG A 71 4.33 25.31 -12.37
CA ARG A 71 3.81 25.42 -13.72
C ARG A 71 4.96 25.59 -14.70
N LEU A 72 4.67 26.13 -15.89
CA LEU A 72 5.57 26.04 -17.02
C LEU A 72 6.48 27.26 -17.13
N LYS A 73 7.53 27.09 -17.96
CA LYS A 73 8.30 28.21 -18.49
C LYS A 73 7.41 29.37 -18.92
N SER A 74 6.43 29.08 -19.77
CA SER A 74 5.48 30.08 -20.24
C SER A 74 4.86 30.85 -19.09
N ASP A 75 4.66 30.19 -17.95
CA ASP A 75 4.00 30.75 -16.80
C ASP A 75 4.97 31.43 -15.87
N ASN A 76 6.22 31.57 -16.28
CA ASN A 76 7.29 32.06 -15.41
C ASN A 76 7.41 31.19 -14.16
N TYR A 77 7.12 29.91 -14.32
CA TYR A 77 7.30 28.94 -13.24
C TYR A 77 6.45 29.30 -12.04
N ALA A 78 5.19 29.66 -12.30
CA ALA A 78 4.26 29.97 -11.24
C ALA A 78 4.05 28.74 -10.35
N THR A 79 3.71 28.99 -9.10
CA THR A 79 3.54 27.93 -8.09
C THR A 79 2.29 28.14 -7.26
N HIS A 80 1.79 27.05 -6.68
CA HIS A 80 0.73 27.07 -5.70
C HIS A 80 1.13 26.09 -4.62
N TYR A 81 0.77 26.37 -3.37
CA TYR A 81 1.02 25.48 -2.25
C TYR A 81 -0.24 25.25 -1.44
N ALA A 82 -0.31 24.07 -0.85
CA ALA A 82 -1.36 23.81 0.12
C ALA A 82 -1.18 24.68 1.36
N GLU A 83 -2.31 25.04 1.96
CA GLU A 83 -2.29 25.82 3.20
C GLU A 83 -1.38 25.21 4.26
N SER A 84 -1.40 23.89 4.43
CA SER A 84 -0.60 23.26 5.49
C SER A 84 0.91 23.31 5.25
N VAL A 85 1.38 23.67 4.05
CA VAL A 85 2.81 23.64 3.76
C VAL A 85 3.34 24.96 3.24
N LYS A 86 2.50 25.98 3.10
CA LYS A 86 2.96 27.25 2.57
C LYS A 86 4.02 27.87 3.49
N GLY A 87 5.11 28.35 2.89
CA GLY A 87 6.17 28.99 3.63
C GLY A 87 7.22 28.05 4.17
N ARG A 88 6.97 26.75 4.15
CA ARG A 88 7.94 25.75 4.56
C ARG A 88 8.44 24.89 3.41
N PHE A 89 7.61 24.65 2.39
CA PHE A 89 7.97 23.84 1.24
C PHE A 89 8.23 24.71 0.01
N THR A 90 9.18 24.29 -0.82
CA THR A 90 9.47 24.92 -2.10
C THR A 90 9.46 23.86 -3.17
N ILE A 91 8.60 24.00 -4.18
CA ILE A 91 8.62 23.14 -5.36
C ILE A 91 9.43 23.82 -6.47
N SER A 92 10.18 23.02 -7.23
CA SER A 92 10.92 23.54 -8.37
C SER A 92 11.05 22.47 -9.43
N ARG A 93 11.43 22.89 -10.63
CA ARG A 93 11.56 21.95 -11.75
C ARG A 93 12.82 22.23 -12.53
N ASP A 94 13.30 21.20 -13.22
CA ASP A 94 14.48 21.28 -14.08
C ASP A 94 14.05 20.63 -15.38
N ASP A 95 13.61 21.46 -16.35
CA ASP A 95 13.19 20.92 -17.61
C ASP A 95 14.34 20.25 -18.38
N SER A 96 15.60 20.56 -18.07
CA SER A 96 16.71 19.89 -18.76
C SER A 96 16.94 18.49 -18.23
N LYS A 97 16.50 18.21 -17.01
CA LYS A 97 16.64 16.91 -16.38
C LYS A 97 15.32 16.18 -16.26
N SER A 98 14.25 16.72 -16.81
CA SER A 98 12.89 16.18 -16.65
C SER A 98 12.61 15.85 -15.19
N SER A 99 12.94 16.79 -14.31
CA SER A 99 12.89 16.54 -12.89
C SER A 99 12.11 17.60 -12.14
N VAL A 100 11.55 17.18 -11.01
CA VAL A 100 10.84 18.08 -10.10
C VAL A 100 11.32 17.75 -8.70
N TYR A 101 11.30 18.76 -7.83
CA TYR A 101 11.90 18.67 -6.52
C TYR A 101 10.97 19.29 -5.52
N LEU A 102 11.04 18.81 -4.29
CA LEU A 102 10.29 19.39 -3.18
C LEU A 102 11.24 19.59 -2.03
N GLN A 103 11.59 20.84 -1.73
CA GLN A 103 12.44 21.15 -0.60
C GLN A 103 11.54 21.43 0.61
N MET A 104 11.83 20.80 1.74
CA MET A 104 10.94 20.90 2.89
C MET A 104 11.78 21.35 4.08
N ASN A 105 11.36 22.44 4.72
CA ASN A 105 12.00 22.94 5.92
C ASN A 105 11.01 22.89 7.08
N ASN A 106 11.56 22.91 8.29
CA ASN A 106 10.79 22.87 9.53
C ASN A 106 9.67 21.81 9.48
N LEU A 107 10.08 20.58 9.21
CA LEU A 107 9.11 19.50 9.07
C LEU A 107 8.44 19.20 10.41
N ARG A 108 7.16 18.80 10.33
CA ARG A 108 6.32 18.48 11.48
C ARG A 108 5.91 17.01 11.41
N ALA A 109 5.44 16.46 12.54
CA ALA A 109 4.88 15.11 12.54
C ALA A 109 3.79 14.95 11.49
N GLU A 110 2.97 15.99 11.28
CA GLU A 110 1.85 15.93 10.36
C GLU A 110 2.27 15.83 8.90
N ASP A 111 3.54 16.07 8.58
CA ASP A 111 4.05 15.95 7.22
C ASP A 111 4.35 14.50 6.83
N THR A 112 4.26 13.59 7.80
CA THR A 112 4.50 12.17 7.56
C THR A 112 3.54 11.60 6.52
N GLY A 113 4.08 10.86 5.56
CA GLY A 113 3.24 10.13 4.65
C GLY A 113 4.00 9.71 3.40
N ILE A 114 3.24 9.16 2.47
CA ILE A 114 3.78 8.75 1.19
C ILE A 114 3.68 9.95 0.27
N TYR A 115 4.79 10.34 -0.37
CA TYR A 115 4.79 11.47 -1.29
C TYR A 115 4.87 10.95 -2.72
N TYR A 116 3.91 11.35 -3.55
CA TYR A 116 3.94 11.07 -4.98
C TYR A 116 4.26 12.31 -5.80
N CYS A 117 5.18 12.15 -6.75
CA CYS A 117 5.36 13.05 -7.88
C CYS A 117 4.27 12.79 -8.91
N THR A 118 3.69 13.86 -9.47
CA THR A 118 2.70 13.73 -10.54
C THR A 118 2.88 14.75 -11.67
N GLY A 119 2.51 14.34 -12.87
CA GLY A 119 2.33 15.24 -14.00
C GLY A 119 0.84 15.48 -14.24
N GLY A 120 0.50 16.76 -14.40
CA GLY A 120 -0.90 17.12 -14.56
C GLY A 120 -1.59 17.04 -13.20
N VAL A 121 -2.93 17.14 -13.24
CA VAL A 121 -3.74 17.11 -12.02
C VAL A 121 -4.92 16.13 -12.13
N PHE A 122 -4.64 14.84 -12.25
CA PHE A 122 -3.33 14.21 -12.08
C PHE A 122 -3.19 13.09 -13.12
N ASP A 123 -2.53 13.39 -14.25
CA ASP A 123 -2.46 12.45 -15.36
C ASP A 123 -1.57 11.26 -15.04
N TYR A 124 -0.40 11.54 -14.47
CA TYR A 124 0.67 10.57 -14.29
C TYR A 124 1.18 10.62 -12.86
N TRP A 125 1.38 9.45 -12.26
CA TRP A 125 1.85 9.34 -10.89
C TRP A 125 3.13 8.52 -10.78
N GLY A 126 3.99 8.92 -9.87
CA GLY A 126 5.15 8.14 -9.52
C GLY A 126 4.77 6.98 -8.63
N GLN A 127 5.78 6.26 -8.16
CA GLN A 127 5.53 5.10 -7.30
C GLN A 127 5.49 5.47 -5.82
N GLY A 128 5.95 6.65 -5.47
CA GLY A 128 5.87 7.10 -4.10
C GLY A 128 7.15 6.86 -3.32
N THR A 129 7.48 7.80 -2.46
CA THR A 129 8.52 7.62 -1.46
C THR A 129 7.90 8.04 -0.14
N THR A 130 8.45 7.56 0.97
CA THR A 130 7.83 7.74 2.28
C THR A 130 8.69 8.65 3.13
N LEU A 131 8.02 9.57 3.81
CA LEU A 131 8.67 10.50 4.71
C LEU A 131 8.03 10.30 6.07
N THR A 132 8.87 10.12 7.09
CA THR A 132 8.44 10.03 8.47
C THR A 132 9.16 11.10 9.27
N VAL A 133 8.41 11.91 9.98
CA VAL A 133 8.98 12.96 10.84
C VAL A 133 8.74 12.54 12.28
N SER A 134 9.82 12.20 12.97
CA SER A 134 9.71 11.82 14.37
C SER A 134 11.07 11.94 15.03
N SER A 135 11.05 12.15 16.34
CA SER A 135 12.29 12.27 17.09
C SER A 135 12.98 10.92 17.33
N SER A 136 12.58 9.85 16.66
CA SER A 136 13.15 8.55 16.90
C SER A 136 14.48 8.36 16.16
N LYS A 137 15.16 7.29 16.52
CA LYS A 137 16.31 6.87 15.75
C LYS A 137 15.83 5.87 14.71
N THR A 138 16.55 5.80 13.61
CA THR A 138 16.29 4.81 12.59
C THR A 138 16.82 3.49 13.07
N THR A 139 16.05 2.42 12.85
CA THR A 139 16.46 1.09 13.31
C THR A 139 16.27 0.16 12.12
N PRO A 140 17.31 -0.51 11.64
CA PRO A 140 17.13 -1.45 10.53
C PRO A 140 16.44 -2.72 11.01
N PRO A 141 15.86 -3.49 10.09
CA PRO A 141 15.12 -4.69 10.51
C PRO A 141 16.03 -5.85 10.89
N SER A 142 15.54 -6.68 11.80
CA SER A 142 16.04 -8.05 11.95
C SER A 142 15.20 -8.97 11.06
N VAL A 143 15.85 -9.79 10.27
CA VAL A 143 15.14 -10.62 9.30
C VAL A 143 15.37 -12.06 9.68
N TYR A 144 14.26 -12.76 9.95
CA TYR A 144 14.34 -14.11 10.46
C TYR A 144 13.72 -15.08 9.45
N PRO A 145 14.39 -16.19 9.16
CA PRO A 145 13.85 -17.13 8.19
C PRO A 145 12.77 -17.99 8.84
N LEU A 146 11.71 -18.24 8.08
CA LEU A 146 10.64 -19.13 8.52
C LEU A 146 10.68 -20.39 7.66
N ALA A 147 11.23 -21.47 8.24
CA ALA A 147 11.26 -22.79 7.63
C ALA A 147 10.35 -23.74 8.41
N PRO A 148 9.76 -24.70 7.75
CA PRO A 148 8.85 -25.62 8.45
C PRO A 148 9.57 -26.40 9.52
N GLY A 149 8.83 -26.71 10.60
CA GLY A 149 9.34 -27.63 11.61
C GLY A 149 9.80 -28.97 11.07
N ASN A 155 3.12 -32.02 1.35
CA ASN A 155 2.42 -32.10 0.07
C ASN A 155 3.31 -31.80 -1.15
N SER A 156 2.70 -31.58 -2.32
CA SER A 156 3.40 -31.16 -3.52
C SER A 156 3.85 -29.69 -3.48
N MET A 157 3.40 -28.92 -2.51
CA MET A 157 3.79 -27.51 -2.35
C MET A 157 4.32 -27.31 -0.93
N VAL A 158 5.27 -26.38 -0.76
CA VAL A 158 5.78 -26.00 0.56
C VAL A 158 5.69 -24.49 0.69
N THR A 159 5.27 -24.03 1.86
CA THR A 159 5.21 -22.60 2.14
C THR A 159 6.38 -22.25 3.06
N LEU A 160 7.10 -21.17 2.71
CA LEU A 160 8.26 -20.67 3.43
C LEU A 160 7.98 -19.20 3.75
N GLY A 161 8.80 -18.59 4.61
CA GLY A 161 8.56 -17.19 4.87
C GLY A 161 9.75 -16.47 5.48
N CYS A 162 9.57 -15.16 5.65
CA CYS A 162 10.53 -14.23 6.25
C CYS A 162 9.75 -13.39 7.25
N LEU A 163 10.28 -13.29 8.46
CA LEU A 163 9.72 -12.45 9.50
C LEU A 163 10.67 -11.25 9.69
N VAL A 164 10.12 -10.05 9.55
CA VAL A 164 10.90 -8.80 9.57
C VAL A 164 10.46 -8.04 10.80
N LYS A 165 11.35 -7.95 11.79
CA LYS A 165 11.00 -7.37 13.08
C LYS A 165 11.86 -6.19 13.46
N GLY A 166 11.25 -5.23 14.16
CA GLY A 166 12.04 -4.30 14.94
C GLY A 166 12.60 -3.16 14.16
N TYR A 167 11.92 -2.70 13.12
CA TYR A 167 12.46 -1.63 12.32
C TYR A 167 11.62 -0.38 12.48
N PHE A 168 12.21 0.72 12.09
CA PHE A 168 11.61 2.03 12.14
C PHE A 168 12.46 2.97 11.30
N PRO A 169 11.87 3.84 10.47
CA PRO A 169 10.45 3.97 10.14
C PRO A 169 10.02 2.97 9.08
N GLU A 170 8.76 3.02 8.69
CA GLU A 170 8.27 2.39 7.47
C GLU A 170 8.88 3.07 6.26
N PRO A 171 8.92 2.36 5.11
CA PRO A 171 8.53 0.95 4.89
C PRO A 171 9.71 0.03 4.68
N VAL A 172 9.46 -1.28 4.62
CA VAL A 172 10.40 -2.21 4.02
C VAL A 172 9.71 -2.74 2.78
N THR A 173 10.51 -3.15 1.82
CA THR A 173 10.02 -3.93 0.70
C THR A 173 10.63 -5.32 0.74
N VAL A 174 9.84 -6.31 0.37
CA VAL A 174 10.27 -7.71 0.36
C VAL A 174 10.19 -8.23 -1.08
N THR A 175 11.26 -8.86 -1.53
CA THR A 175 11.20 -9.70 -2.73
C THR A 175 11.71 -11.08 -2.38
N TRP A 176 11.51 -12.02 -3.31
CA TRP A 176 12.00 -13.38 -3.17
C TRP A 176 12.84 -13.72 -4.36
N ASN A 177 14.05 -14.20 -4.10
CA ASN A 177 15.05 -14.49 -5.15
C ASN A 177 15.23 -13.27 -6.04
N SER A 178 15.35 -12.11 -5.40
CA SER A 178 15.57 -10.84 -6.06
C SER A 178 14.50 -10.56 -7.09
N GLY A 179 13.30 -11.02 -6.82
CA GLY A 179 12.16 -10.72 -7.65
C GLY A 179 11.86 -11.81 -8.66
N ALA A 180 12.71 -12.86 -8.72
CA ALA A 180 12.53 -13.96 -9.65
C ALA A 180 11.41 -14.89 -9.23
N LEU A 181 11.01 -14.91 -7.95
CA LEU A 181 9.79 -15.57 -7.52
C LEU A 181 8.75 -14.52 -7.18
N SER A 182 7.55 -14.66 -7.71
CA SER A 182 6.46 -13.71 -7.48
C SER A 182 5.07 -14.36 -7.45
N SER A 183 4.88 -15.45 -8.20
CA SER A 183 3.55 -16.02 -8.33
C SER A 183 3.01 -16.55 -7.00
N GLY A 184 3.88 -17.10 -6.15
CA GLY A 184 3.40 -17.66 -4.90
C GLY A 184 3.62 -16.78 -3.68
N VAL A 185 3.82 -15.48 -3.85
CA VAL A 185 4.22 -14.58 -2.77
C VAL A 185 3.02 -13.89 -2.13
N HIS A 186 3.01 -13.80 -0.80
CA HIS A 186 2.11 -12.92 -0.08
C HIS A 186 2.93 -12.08 0.89
N THR A 187 2.79 -10.77 0.84
CA THR A 187 3.47 -9.90 1.80
C THR A 187 2.44 -9.13 2.57
N PHE A 188 2.57 -9.13 3.89
CA PHE A 188 1.54 -8.61 4.76
C PHE A 188 1.92 -7.22 5.23
N PRO A 189 0.93 -6.33 5.38
CA PRO A 189 1.25 -4.97 5.80
C PRO A 189 1.83 -4.97 7.21
N ALA A 190 2.71 -3.99 7.43
CA ALA A 190 3.40 -3.85 8.71
C ALA A 190 2.45 -3.40 9.80
N VAL A 191 2.76 -3.82 11.02
CA VAL A 191 2.02 -3.40 12.21
C VAL A 191 3.01 -2.85 13.21
N LEU A 192 2.67 -1.70 13.80
CA LEU A 192 3.55 -1.00 14.72
C LEU A 192 3.22 -1.42 16.13
N GLN A 193 4.19 -1.99 16.83
CA GLN A 193 4.04 -2.42 18.21
C GLN A 193 5.26 -1.98 19.02
N SER A 194 5.00 -1.47 20.23
CA SER A 194 6.04 -0.98 21.13
C SER A 194 7.08 -0.16 20.39
N ASP A 195 6.63 0.73 19.51
CA ASP A 195 7.45 1.70 18.80
C ASP A 195 8.30 1.07 17.69
N LEU A 196 8.02 -0.16 17.27
CA LEU A 196 8.77 -0.75 16.17
C LEU A 196 7.86 -1.63 15.31
N TYR A 197 8.18 -1.65 14.04
CA TYR A 197 7.31 -2.30 13.05
C TYR A 197 7.67 -3.77 12.91
N THR A 198 6.64 -4.57 12.61
CA THR A 198 6.81 -5.99 12.27
C THR A 198 6.01 -6.30 11.01
N LEU A 199 6.61 -7.07 10.11
CA LEU A 199 5.85 -7.60 8.97
C LEU A 199 6.44 -8.95 8.59
N SER A 200 5.69 -9.67 7.77
CA SER A 200 6.06 -11.01 7.35
C SER A 200 5.72 -11.14 5.87
N SER A 201 6.39 -12.08 5.24
CA SER A 201 6.09 -12.43 3.85
C SER A 201 6.18 -13.94 3.72
N SER A 202 5.29 -14.50 2.91
CA SER A 202 5.33 -15.92 2.59
C SER A 202 5.49 -16.15 1.09
N VAL A 203 6.11 -17.29 0.76
CA VAL A 203 6.21 -17.76 -0.62
C VAL A 203 5.91 -19.25 -0.61
N THR A 204 5.19 -19.70 -1.64
CA THR A 204 4.78 -21.08 -1.78
C THR A 204 5.35 -21.59 -3.10
N VAL A 205 6.16 -22.64 -3.02
CA VAL A 205 6.85 -23.17 -4.21
C VAL A 205 6.68 -24.69 -4.18
N PRO A 206 6.95 -25.34 -5.32
CA PRO A 206 6.85 -26.80 -5.33
C PRO A 206 7.82 -27.43 -4.35
N SER A 207 7.32 -28.41 -3.60
CA SER A 207 8.17 -29.08 -2.61
C SER A 207 9.29 -29.91 -3.23
N SER A 208 9.13 -30.38 -4.48
CA SER A 208 10.21 -31.15 -5.10
C SER A 208 11.44 -30.28 -5.31
N THR A 209 11.24 -28.97 -5.45
CA THR A 209 12.24 -27.98 -5.84
C THR A 209 12.90 -27.28 -4.68
N TRP A 210 12.50 -27.58 -3.44
CA TRP A 210 13.10 -26.90 -2.30
C TRP A 210 13.49 -27.99 -1.33
N PRO A 211 14.71 -27.99 -0.81
CA PRO A 211 15.74 -26.96 -0.84
C PRO A 211 16.69 -27.01 -2.05
N SER A 212 16.50 -27.95 -2.96
CA SER A 212 17.45 -28.15 -4.05
C SER A 212 17.64 -26.87 -4.86
N GLN A 213 16.58 -26.10 -5.05
CA GLN A 213 16.66 -24.79 -5.71
C GLN A 213 16.35 -23.72 -4.65
N THR A 214 17.38 -22.95 -4.29
CA THR A 214 17.33 -22.05 -3.13
C THR A 214 16.24 -20.99 -3.23
N VAL A 215 15.78 -20.57 -2.05
CA VAL A 215 14.74 -19.56 -1.91
C VAL A 215 15.25 -18.58 -0.88
N THR A 216 15.31 -17.32 -1.25
CA THR A 216 15.87 -16.24 -0.45
C THR A 216 14.88 -15.08 -0.42
N CYS A 217 14.68 -14.51 0.76
CA CYS A 217 13.93 -13.27 0.86
C CYS A 217 14.91 -12.10 0.98
N ASN A 218 14.64 -11.07 0.21
CA ASN A 218 15.41 -9.84 0.18
C ASN A 218 14.56 -8.74 0.80
N VAL A 219 15.04 -8.16 1.89
CA VAL A 219 14.29 -7.17 2.65
C VAL A 219 15.05 -5.87 2.57
N ALA A 220 14.47 -4.87 1.94
CA ALA A 220 15.09 -3.56 1.79
C ALA A 220 14.45 -2.55 2.73
N HIS A 221 15.28 -1.77 3.42
CA HIS A 221 14.81 -0.75 4.35
C HIS A 221 15.48 0.55 3.94
N PRO A 222 14.88 1.27 2.99
CA PRO A 222 15.54 2.48 2.47
C PRO A 222 15.94 3.48 3.55
N ALA A 223 15.13 3.61 4.60
CA ALA A 223 15.40 4.68 5.56
C ALA A 223 16.73 4.47 6.30
N SER A 224 17.11 3.22 6.58
CA SER A 224 18.39 2.91 7.20
C SER A 224 19.46 2.49 6.18
N SER A 225 19.16 2.57 4.87
CA SER A 225 20.13 2.23 3.83
C SER A 225 20.64 0.80 4.00
N THR A 226 19.71 -0.12 4.30
CA THR A 226 20.04 -1.50 4.64
C THR A 226 19.18 -2.44 3.80
N LYS A 227 19.79 -3.48 3.23
CA LYS A 227 19.07 -4.61 2.64
C LYS A 227 19.62 -5.88 3.27
N VAL A 228 18.72 -6.83 3.58
CA VAL A 228 19.14 -8.11 4.11
C VAL A 228 18.60 -9.20 3.19
N ASP A 229 19.48 -10.11 2.78
CA ASP A 229 19.11 -11.27 1.96
C ASP A 229 19.27 -12.50 2.84
N LYS A 230 18.15 -13.20 3.08
CA LYS A 230 18.11 -14.33 3.99
C LYS A 230 17.65 -15.56 3.22
N LYS A 231 18.55 -16.51 3.04
CA LYS A 231 18.20 -17.76 2.39
C LYS A 231 17.45 -18.64 3.40
N ILE A 232 16.37 -19.26 2.94
CA ILE A 232 15.57 -20.13 3.81
C ILE A 232 16.16 -21.53 3.71
N VAL A 233 16.75 -22.03 4.79
CA VAL A 233 17.30 -23.38 4.74
C VAL A 233 16.56 -24.31 5.69
N PRO A 234 16.54 -25.60 5.39
CA PRO A 234 15.76 -26.52 6.22
C PRO A 234 16.29 -26.60 7.65
N ARG A 235 15.37 -26.91 8.55
CA ARG A 235 15.70 -27.06 9.97
C ARG A 235 16.30 -28.43 10.26
N ASP B 20 -12.40 25.59 -0.42
CA ASP B 20 -12.00 24.19 -0.64
C ASP B 20 -13.22 23.34 -0.98
N VAL B 21 -13.17 22.63 -2.11
CA VAL B 21 -14.26 21.70 -2.45
C VAL B 21 -14.04 20.40 -1.70
N VAL B 22 -15.08 19.94 -1.00
CA VAL B 22 -15.07 18.66 -0.30
C VAL B 22 -15.60 17.60 -1.24
N MET B 23 -14.84 16.53 -1.42
CA MET B 23 -15.20 15.38 -2.24
C MET B 23 -15.50 14.22 -1.32
N THR B 24 -16.68 13.60 -1.50
CA THR B 24 -17.18 12.54 -0.63
C THR B 24 -17.47 11.28 -1.44
N GLN B 25 -16.97 10.13 -0.98
CA GLN B 25 -17.07 8.89 -1.74
C GLN B 25 -17.80 7.78 -1.03
N THR B 26 -18.72 7.12 -1.75
CA THR B 26 -19.55 6.05 -1.20
C THR B 26 -19.73 4.96 -2.22
N PRO B 27 -19.81 3.68 -1.79
CA PRO B 27 -19.61 3.28 -0.38
C PRO B 27 -18.13 3.19 -0.01
N LEU B 28 -17.82 2.98 1.26
CA LEU B 28 -16.43 2.76 1.64
C LEU B 28 -15.90 1.50 0.97
N SER B 29 -16.75 0.49 0.82
CA SER B 29 -16.40 -0.76 0.17
C SER B 29 -17.61 -1.28 -0.59
N LEU B 30 -17.34 -1.85 -1.77
CA LEU B 30 -18.38 -2.27 -2.70
C LEU B 30 -18.13 -3.72 -3.07
N PRO B 31 -19.09 -4.66 -2.80
CA PRO B 31 -18.91 -6.04 -3.24
C PRO B 31 -19.62 -6.35 -4.55
N VAL B 32 -18.91 -6.89 -5.53
CA VAL B 32 -19.47 -7.17 -6.85
C VAL B 32 -18.93 -8.50 -7.37
N SER B 33 -19.80 -9.29 -7.98
CA SER B 33 -19.37 -10.53 -8.59
C SER B 33 -18.65 -10.26 -9.90
N LEU B 34 -17.71 -11.13 -10.24
CA LEU B 34 -17.04 -11.01 -11.52
C LEU B 34 -18.06 -11.05 -12.65
N GLY B 35 -17.85 -10.21 -13.65
CA GLY B 35 -18.77 -10.09 -14.77
C GLY B 35 -20.00 -9.27 -14.51
N ASP B 36 -20.32 -8.96 -13.25
CA ASP B 36 -21.40 -8.03 -12.97
C ASP B 36 -20.90 -6.59 -13.11
N GLN B 37 -21.80 -5.63 -12.86
CA GLN B 37 -21.44 -4.22 -12.96
C GLN B 37 -21.40 -3.60 -11.58
N ALA B 38 -20.38 -2.79 -11.35
CA ALA B 38 -20.21 -2.06 -10.12
C ALA B 38 -20.41 -0.57 -10.39
N SER B 39 -20.97 0.13 -9.41
CA SER B 39 -21.19 1.57 -9.53
C SER B 39 -20.65 2.24 -8.28
N ILE B 40 -19.78 3.24 -8.46
CA ILE B 40 -19.13 3.95 -7.38
C ILE B 40 -19.53 5.41 -7.48
N SER B 41 -19.84 6.02 -6.35
CA SER B 41 -20.40 7.35 -6.28
C SER B 41 -19.38 8.36 -5.75
N CYS B 42 -19.44 9.57 -6.27
CA CYS B 42 -18.60 10.67 -5.81
C CYS B 42 -19.49 11.91 -5.75
N ARG B 43 -19.48 12.60 -4.61
CA ARG B 43 -20.22 13.83 -4.41
C ARG B 43 -19.26 14.99 -4.14
N SER B 44 -19.60 16.15 -4.62
CA SER B 44 -18.84 17.36 -4.34
C SER B 44 -19.68 18.33 -3.51
N SER B 45 -18.99 19.13 -2.70
CA SER B 45 -19.66 20.16 -1.92
C SER B 45 -20.19 21.31 -2.79
N GLN B 46 -19.78 21.40 -4.05
CA GLN B 46 -20.20 22.47 -4.95
C GLN B 46 -20.17 21.91 -6.37
N SER B 47 -20.96 22.51 -7.24
CA SER B 47 -20.99 22.09 -8.63
C SER B 47 -19.60 22.19 -9.25
N LEU B 48 -19.21 21.17 -10.01
CA LEU B 48 -17.89 21.14 -10.63
C LEU B 48 -17.90 21.64 -12.06
N VAL B 49 -19.00 22.23 -12.51
CA VAL B 49 -18.98 22.85 -13.83
C VAL B 49 -18.11 24.10 -13.78
N HIS B 50 -17.21 24.20 -14.73
CA HIS B 50 -16.28 25.31 -14.90
C HIS B 50 -16.91 26.36 -15.80
N SER B 51 -16.36 27.58 -15.74
CA SER B 51 -16.84 28.65 -16.60
C SER B 51 -16.88 28.25 -18.06
N ASN B 52 -15.88 27.48 -18.53
CA ASN B 52 -15.83 27.06 -19.93
C ASN B 52 -16.81 25.97 -20.27
N GLY B 53 -17.67 25.59 -19.34
CA GLY B 53 -18.69 24.59 -19.58
C GLY B 53 -18.27 23.17 -19.36
N ASN B 54 -16.96 22.92 -19.26
CA ASN B 54 -16.44 21.60 -18.94
C ASN B 54 -16.59 21.33 -17.43
N THR B 55 -16.52 20.05 -17.08
CA THR B 55 -16.61 19.59 -15.71
C THR B 55 -15.36 18.77 -15.40
N TYR B 56 -14.54 19.26 -14.48
CA TYR B 56 -13.22 18.66 -14.25
C TYR B 56 -13.28 17.72 -13.05
N LEU B 57 -13.89 16.58 -13.30
CA LEU B 57 -14.03 15.50 -12.33
C LEU B 57 -13.38 14.28 -12.95
N HIS B 58 -12.45 13.67 -12.21
CA HIS B 58 -11.62 12.58 -12.70
C HIS B 58 -11.66 11.40 -11.74
N TRP B 59 -11.44 10.21 -12.28
CA TRP B 59 -11.44 8.97 -11.53
C TRP B 59 -10.08 8.32 -11.64
N TYR B 60 -9.64 7.71 -10.53
CA TYR B 60 -8.37 6.99 -10.45
C TYR B 60 -8.59 5.62 -9.84
N LEU B 61 -7.67 4.70 -10.15
CA LEU B 61 -7.62 3.39 -9.52
C LEU B 61 -6.25 3.18 -8.88
N GLN B 62 -6.25 2.86 -7.59
CA GLN B 62 -5.02 2.52 -6.88
C GLN B 62 -5.10 1.04 -6.56
N LYS B 63 -4.42 0.24 -7.37
CA LYS B 63 -4.36 -1.20 -7.12
C LYS B 63 -3.47 -1.45 -5.90
N PRO B 64 -3.67 -2.58 -5.23
CA PRO B 64 -2.89 -2.86 -4.02
C PRO B 64 -1.39 -2.72 -4.28
N GLY B 65 -0.71 -1.99 -3.39
CA GLY B 65 0.71 -1.81 -3.47
C GLY B 65 1.21 -0.97 -4.63
N GLN B 66 0.32 -0.32 -5.37
CA GLN B 66 0.70 0.59 -6.44
C GLN B 66 0.27 2.01 -6.08
N SER B 67 0.71 2.93 -6.92
CA SER B 67 0.27 4.30 -6.85
C SER B 67 -1.04 4.44 -7.62
N PRO B 68 -1.75 5.54 -7.41
CA PRO B 68 -2.95 5.78 -8.23
C PRO B 68 -2.59 5.91 -9.71
N LYS B 69 -3.60 5.61 -10.54
CA LYS B 69 -3.50 5.72 -12.00
C LYS B 69 -4.78 6.38 -12.49
N LEU B 70 -4.65 7.32 -13.42
CA LEU B 70 -5.81 8.01 -13.98
C LEU B 70 -6.63 7.07 -14.88
N LEU B 71 -7.95 7.01 -14.64
CA LEU B 71 -8.84 6.16 -15.42
C LEU B 71 -9.75 6.94 -16.36
N ILE B 72 -10.42 7.95 -15.83
CA ILE B 72 -11.41 8.74 -16.53
C ILE B 72 -11.12 10.20 -16.21
N TYR B 73 -11.05 11.03 -17.23
CA TYR B 73 -10.94 12.47 -17.01
C TYR B 73 -12.13 13.22 -17.61
N LYS B 74 -12.43 14.37 -17.03
CA LYS B 74 -13.58 15.21 -17.39
C LYS B 74 -14.88 14.40 -17.49
N VAL B 75 -15.19 13.75 -16.37
CA VAL B 75 -16.41 12.98 -16.14
C VAL B 75 -16.46 11.66 -16.90
N SER B 76 -16.09 11.64 -18.18
CA SER B 76 -16.46 10.52 -19.04
C SER B 76 -15.41 10.04 -20.04
N ASN B 77 -14.26 10.69 -20.13
CA ASN B 77 -13.26 10.32 -21.12
C ASN B 77 -12.33 9.25 -20.56
N ARG B 78 -12.24 8.11 -21.25
CA ARG B 78 -11.26 7.11 -20.86
C ARG B 78 -9.85 7.59 -21.17
N PHE B 79 -8.94 7.41 -20.21
CA PHE B 79 -7.52 7.74 -20.40
C PHE B 79 -6.80 6.61 -21.15
N SER B 80 -5.52 6.83 -21.40
CA SER B 80 -4.72 5.86 -22.14
C SER B 80 -4.71 4.49 -21.47
N GLY B 81 -4.95 3.46 -22.26
CA GLY B 81 -4.83 2.10 -21.77
C GLY B 81 -5.97 1.63 -20.92
N VAL B 82 -7.04 2.42 -20.82
CA VAL B 82 -8.14 2.12 -19.91
C VAL B 82 -9.15 1.25 -20.67
N PRO B 83 -9.48 0.05 -20.16
CA PRO B 83 -10.37 -0.82 -20.93
C PRO B 83 -11.78 -0.24 -21.03
N ASP B 84 -12.52 -0.79 -21.98
CA ASP B 84 -13.83 -0.22 -22.31
C ASP B 84 -14.90 -0.55 -21.28
N ARG B 85 -14.58 -1.33 -20.24
CA ARG B 85 -15.60 -1.57 -19.23
C ARG B 85 -15.68 -0.44 -18.20
N PHE B 86 -14.79 0.54 -18.26
CA PHE B 86 -14.88 1.69 -17.37
C PHE B 86 -15.63 2.82 -18.06
N SER B 87 -16.65 3.35 -17.40
CA SER B 87 -17.34 4.51 -17.95
C SER B 87 -17.73 5.40 -16.80
N GLY B 88 -17.69 6.70 -17.04
CA GLY B 88 -18.04 7.68 -16.03
C GLY B 88 -19.22 8.51 -16.49
N SER B 89 -20.04 8.91 -15.51
CA SER B 89 -21.22 9.72 -15.75
C SER B 89 -21.42 10.67 -14.56
N GLY B 90 -22.38 11.57 -14.71
CA GLY B 90 -22.75 12.46 -13.64
C GLY B 90 -22.76 13.90 -14.09
N SER B 91 -23.12 14.77 -13.16
CA SER B 91 -23.18 16.19 -13.44
C SER B 91 -23.22 16.96 -12.14
N GLY B 92 -22.76 18.21 -12.21
CA GLY B 92 -22.86 19.11 -11.08
C GLY B 92 -22.13 18.61 -9.86
N THR B 93 -22.87 17.99 -8.94
CA THR B 93 -22.34 17.53 -7.65
C THR B 93 -22.37 16.02 -7.50
N ASP B 94 -22.88 15.29 -8.48
CA ASP B 94 -23.23 13.88 -8.30
C ASP B 94 -22.66 13.09 -9.48
N PHE B 95 -21.68 12.23 -9.21
CA PHE B 95 -21.00 11.50 -10.27
C PHE B 95 -20.93 10.02 -9.94
N THR B 96 -20.83 9.22 -10.99
CA THR B 96 -20.74 7.77 -10.85
C THR B 96 -19.76 7.19 -11.84
N LEU B 97 -18.89 6.32 -11.34
CA LEU B 97 -18.07 5.47 -12.17
C LEU B 97 -18.76 4.12 -12.25
N LYS B 98 -18.90 3.61 -13.45
CA LYS B 98 -19.43 2.25 -13.64
C LYS B 98 -18.34 1.36 -14.20
N ILE B 99 -18.15 0.21 -13.58
CA ILE B 99 -17.27 -0.82 -14.08
C ILE B 99 -18.18 -1.98 -14.49
N SER B 100 -18.34 -2.16 -15.79
CA SER B 100 -19.13 -3.28 -16.28
C SER B 100 -18.21 -4.48 -16.49
N ARG B 101 -18.82 -5.67 -16.48
CA ARG B 101 -18.10 -6.91 -16.77
C ARG B 101 -16.82 -7.00 -15.93
N VAL B 102 -17.00 -6.83 -14.62
CA VAL B 102 -15.89 -6.64 -13.70
C VAL B 102 -14.94 -7.82 -13.78
N GLU B 103 -13.64 -7.52 -13.86
CA GLU B 103 -12.56 -8.50 -13.79
C GLU B 103 -11.81 -8.37 -12.48
N ALA B 104 -11.17 -9.47 -12.07
CA ALA B 104 -10.48 -9.47 -10.78
C ALA B 104 -9.39 -8.39 -10.71
N GLU B 105 -8.74 -8.10 -11.83
CA GLU B 105 -7.71 -7.06 -11.89
C GLU B 105 -8.25 -5.65 -11.69
N ASP B 106 -9.56 -5.48 -11.63
CA ASP B 106 -10.18 -4.19 -11.33
C ASP B 106 -10.25 -3.87 -9.84
N LEU B 107 -9.79 -4.75 -8.98
CA LEU B 107 -9.96 -4.50 -7.56
C LEU B 107 -8.91 -3.51 -7.08
N GLY B 108 -9.27 -2.75 -6.10
CA GLY B 108 -8.43 -1.70 -5.57
C GLY B 108 -9.28 -0.61 -4.99
N VAL B 109 -8.65 0.54 -4.73
CA VAL B 109 -9.33 1.71 -4.21
C VAL B 109 -9.51 2.70 -5.36
N TYR B 110 -10.75 3.12 -5.58
CA TYR B 110 -11.09 4.07 -6.61
C TYR B 110 -11.23 5.44 -5.96
N PHE B 111 -10.56 6.44 -6.52
CA PHE B 111 -10.64 7.80 -6.03
C PHE B 111 -11.22 8.71 -7.09
N CYS B 112 -11.88 9.77 -6.65
CA CYS B 112 -12.23 10.87 -7.53
C CYS B 112 -11.47 12.11 -7.08
N SER B 113 -11.26 13.02 -8.01
CA SER B 113 -10.63 14.31 -7.70
C SER B 113 -11.28 15.38 -8.57
N GLN B 114 -11.11 16.63 -8.18
CA GLN B 114 -11.70 17.74 -8.92
C GLN B 114 -10.61 18.77 -9.19
N SER B 115 -10.69 19.37 -10.37
CA SER B 115 -9.75 20.37 -10.86
C SER B 115 -10.43 21.66 -11.23
N THR B 116 -11.70 21.83 -10.87
CA THR B 116 -12.46 22.99 -11.33
C THR B 116 -12.21 24.21 -10.44
N HIS B 117 -12.38 24.05 -9.13
CA HIS B 117 -12.28 25.13 -8.15
C HIS B 117 -11.00 24.93 -7.34
N VAL B 118 -9.96 25.65 -7.74
CA VAL B 118 -8.59 25.36 -7.30
C VAL B 118 -7.80 26.65 -7.29
N PRO B 119 -6.71 26.73 -6.53
CA PRO B 119 -6.35 25.70 -5.53
C PRO B 119 -7.28 25.71 -4.34
N PRO B 120 -7.31 24.62 -3.55
CA PRO B 120 -6.54 23.38 -3.75
C PRO B 120 -7.24 22.37 -4.67
N TRP B 121 -6.45 21.57 -5.37
CA TRP B 121 -6.95 20.36 -6.03
C TRP B 121 -7.29 19.35 -4.95
N THR B 122 -8.50 18.79 -4.99
CA THR B 122 -8.96 17.95 -3.88
C THR B 122 -9.41 16.58 -4.35
N PHE B 123 -9.43 15.64 -3.37
CA PHE B 123 -9.66 14.21 -3.62
C PHE B 123 -10.77 13.68 -2.73
N GLY B 124 -11.54 12.72 -3.26
CA GLY B 124 -12.40 11.91 -2.42
C GLY B 124 -11.60 10.99 -1.51
N GLY B 125 -12.30 10.40 -0.54
CA GLY B 125 -11.64 9.52 0.40
C GLY B 125 -11.41 8.10 -0.09
N GLY B 126 -11.91 7.74 -1.26
CA GLY B 126 -11.65 6.43 -1.82
C GLY B 126 -12.74 5.43 -1.52
N THR B 127 -12.99 4.55 -2.48
CA THR B 127 -13.90 3.42 -2.34
C THR B 127 -13.16 2.14 -2.72
N LYS B 128 -13.20 1.14 -1.85
CA LYS B 128 -12.59 -0.14 -2.15
C LYS B 128 -13.58 -1.03 -2.88
N LEU B 129 -13.16 -1.51 -4.04
CA LEU B 129 -13.91 -2.49 -4.81
C LEU B 129 -13.54 -3.85 -4.28
N GLU B 130 -14.52 -4.59 -3.75
CA GLU B 130 -14.29 -5.97 -3.34
C GLU B 130 -14.99 -6.92 -4.31
N ILE B 131 -14.24 -7.90 -4.80
CA ILE B 131 -14.79 -8.92 -5.70
C ILE B 131 -15.47 -10.00 -4.85
N LYS B 132 -16.74 -10.27 -5.15
CA LYS B 132 -17.46 -11.36 -4.50
C LYS B 132 -17.11 -12.66 -5.22
N ARG B 133 -16.38 -13.53 -4.54
CA ARG B 133 -16.04 -14.81 -5.12
C ARG B 133 -16.61 -15.93 -4.26
N ALA B 134 -16.38 -17.15 -4.73
CA ALA B 134 -16.88 -18.32 -4.04
C ALA B 134 -16.09 -18.50 -2.76
N ASP B 135 -16.76 -19.03 -1.76
CA ASP B 135 -16.09 -19.30 -0.49
C ASP B 135 -14.88 -20.20 -0.74
N ALA B 136 -13.78 -19.90 -0.04
CA ALA B 136 -12.55 -20.66 -0.11
C ALA B 136 -11.96 -20.76 1.29
N ALA B 137 -11.58 -21.96 1.69
CA ALA B 137 -10.98 -22.16 2.99
C ALA B 137 -9.48 -21.82 2.95
N PRO B 138 -8.93 -21.36 4.08
CA PRO B 138 -7.52 -20.98 4.09
C PRO B 138 -6.61 -22.19 4.07
N THR B 139 -5.48 -22.01 3.42
CA THR B 139 -4.33 -22.92 3.49
C THR B 139 -3.42 -22.45 4.63
N VAL B 140 -3.28 -23.26 5.69
CA VAL B 140 -2.67 -22.82 6.95
C VAL B 140 -1.30 -23.51 7.11
N SER B 141 -0.29 -22.71 7.50
CA SER B 141 1.08 -23.14 7.70
C SER B 141 1.60 -22.47 8.98
N ILE B 142 2.29 -23.23 9.82
CA ILE B 142 2.83 -22.74 11.09
C ILE B 142 4.34 -22.86 11.08
N PHE B 143 5.01 -21.91 11.71
CA PHE B 143 6.46 -21.81 11.66
C PHE B 143 7.01 -21.52 13.03
N PRO B 144 7.97 -22.30 13.50
CA PRO B 144 8.57 -22.04 14.83
C PRO B 144 9.58 -20.90 14.76
N PRO B 145 10.03 -20.43 15.92
CA PRO B 145 11.10 -19.43 15.95
C PRO B 145 12.37 -19.95 15.31
N SER B 146 13.00 -19.07 14.53
CA SER B 146 14.34 -19.31 14.01
C SER B 146 15.37 -19.24 15.14
N SER B 147 16.47 -19.97 14.95
CA SER B 147 17.59 -19.93 15.88
C SER B 147 18.10 -18.50 16.08
N GLU B 148 18.13 -17.71 15.00
CA GLU B 148 18.66 -16.37 15.08
C GLU B 148 17.83 -15.49 16.00
N GLN B 149 16.50 -15.65 15.96
CA GLN B 149 15.64 -14.85 16.81
C GLN B 149 15.80 -15.27 18.27
N LEU B 150 15.95 -16.58 18.51
CA LEU B 150 16.09 -17.05 19.90
C LEU B 150 17.35 -16.48 20.57
N THR B 151 18.45 -16.36 19.83
CA THR B 151 19.68 -15.82 20.43
C THR B 151 19.54 -14.35 20.83
N SER B 152 18.59 -13.62 20.27
CA SER B 152 18.32 -12.26 20.68
C SER B 152 17.28 -12.17 21.79
N GLY B 153 16.81 -13.31 22.29
CA GLY B 153 15.89 -13.33 23.41
C GLY B 153 14.44 -13.29 23.03
N GLY B 154 14.12 -13.44 21.75
CA GLY B 154 12.75 -13.38 21.31
C GLY B 154 12.29 -14.68 20.67
N ALA B 155 10.96 -14.86 20.54
CA ALA B 155 10.42 -16.14 20.09
C ALA B 155 9.05 -15.87 19.44
N SER B 156 9.03 -15.76 18.11
CA SER B 156 7.80 -15.55 17.37
C SER B 156 7.40 -16.85 16.70
N VAL B 157 6.16 -17.26 16.90
CA VAL B 157 5.56 -18.35 16.17
C VAL B 157 4.64 -17.73 15.13
N VAL B 158 4.76 -18.16 13.88
CA VAL B 158 4.06 -17.49 12.79
C VAL B 158 3.11 -18.45 12.12
N CYS B 159 1.89 -17.99 11.87
CA CYS B 159 0.86 -18.77 11.22
C CYS B 159 0.38 -18.00 9.99
N PHE B 160 0.52 -18.60 8.79
CA PHE B 160 0.03 -17.99 7.55
C PHE B 160 -1.29 -18.64 7.17
N LEU B 161 -2.30 -17.85 6.88
CA LEU B 161 -3.64 -18.33 6.54
C LEU B 161 -3.87 -17.78 5.14
N ASN B 162 -3.59 -18.58 4.10
CA ASN B 162 -3.45 -18.05 2.76
C ASN B 162 -4.65 -18.41 1.88
N ASN B 163 -5.06 -17.42 1.08
CA ASN B 163 -5.97 -17.60 -0.05
C ASN B 163 -7.36 -18.07 0.37
N PHE B 164 -8.00 -17.27 1.22
CA PHE B 164 -9.32 -17.58 1.71
C PHE B 164 -10.32 -16.50 1.31
N TYR B 165 -11.61 -16.85 1.42
CA TYR B 165 -12.67 -15.88 1.13
C TYR B 165 -13.92 -16.40 1.79
N PRO B 166 -14.74 -15.55 2.45
CA PRO B 166 -14.63 -14.08 2.62
C PRO B 166 -13.57 -13.68 3.66
N LYS B 167 -13.36 -12.36 3.82
CA LYS B 167 -12.26 -11.81 4.60
C LYS B 167 -12.35 -12.16 6.07
N ASP B 168 -13.57 -12.30 6.58
CA ASP B 168 -13.80 -12.65 7.97
C ASP B 168 -13.14 -13.98 8.33
N ILE B 169 -12.33 -13.96 9.37
CA ILE B 169 -11.71 -15.18 9.86
C ILE B 169 -11.35 -14.94 11.32
N ASN B 170 -11.29 -16.00 12.09
CA ASN B 170 -10.87 -15.91 13.48
C ASN B 170 -9.70 -16.86 13.71
N VAL B 171 -8.67 -16.37 14.39
CA VAL B 171 -7.50 -17.17 14.74
C VAL B 171 -7.35 -17.21 16.26
N LYS B 172 -7.29 -18.40 16.81
CA LYS B 172 -6.95 -18.64 18.20
C LYS B 172 -5.57 -19.28 18.27
N TRP B 173 -4.73 -18.77 19.15
CA TRP B 173 -3.49 -19.45 19.55
C TRP B 173 -3.70 -20.23 20.84
N LYS B 174 -3.17 -21.43 20.88
CA LYS B 174 -3.16 -22.24 22.10
C LYS B 174 -1.75 -22.67 22.40
N ILE B 175 -1.35 -22.56 23.66
CA ILE B 175 -0.06 -23.04 24.13
C ILE B 175 -0.33 -24.15 25.14
N ASP B 176 0.13 -25.36 24.84
CA ASP B 176 -0.10 -26.46 25.76
C ASP B 176 -1.57 -26.51 26.17
N GLY B 177 -2.45 -26.30 25.18
CA GLY B 177 -3.87 -26.49 25.35
C GLY B 177 -4.68 -25.26 25.75
N SER B 178 -4.06 -24.23 26.30
CA SER B 178 -4.79 -23.08 26.81
C SER B 178 -4.60 -21.92 25.84
N GLU B 179 -5.68 -21.19 25.58
CA GLU B 179 -5.60 -20.05 24.66
C GLU B 179 -4.74 -18.93 25.22
N ARG B 180 -3.99 -18.30 24.34
CA ARG B 180 -3.14 -17.16 24.64
C ARG B 180 -3.57 -16.02 23.72
N GLN B 181 -3.87 -14.86 24.30
CA GLN B 181 -4.26 -13.68 23.53
C GLN B 181 -3.20 -12.60 23.49
N ASN B 182 -2.54 -12.34 24.62
CA ASN B 182 -1.48 -11.35 24.63
C ASN B 182 -0.35 -11.76 23.69
N GLY B 183 0.14 -10.78 22.93
CA GLY B 183 1.29 -11.00 22.09
C GLY B 183 0.97 -11.42 20.68
N VAL B 184 -0.31 -11.45 20.32
CA VAL B 184 -0.74 -11.90 18.99
C VAL B 184 -0.87 -10.67 18.10
N LEU B 185 -0.24 -10.73 16.93
CA LEU B 185 -0.29 -9.67 15.94
C LEU B 185 -0.85 -10.24 14.66
N ASN B 186 -1.96 -9.68 14.18
CA ASN B 186 -2.62 -10.16 12.96
C ASN B 186 -2.55 -9.10 11.88
N SER B 187 -2.31 -9.55 10.64
CA SER B 187 -2.27 -8.62 9.52
C SER B 187 -2.83 -9.26 8.26
N TRP B 188 -3.77 -8.56 7.61
CA TRP B 188 -4.47 -9.03 6.42
C TRP B 188 -3.88 -8.40 5.15
N THR B 189 -3.77 -9.18 4.08
CA THR B 189 -3.48 -8.56 2.79
C THR B 189 -4.75 -7.95 2.22
N ASP B 190 -4.55 -7.05 1.24
CA ASP B 190 -5.65 -6.69 0.38
C ASP B 190 -6.04 -7.89 -0.47
N GLN B 191 -7.21 -7.79 -1.08
CA GLN B 191 -7.64 -8.80 -2.02
C GLN B 191 -6.61 -9.01 -3.13
N ASP B 192 -6.39 -10.27 -3.48
CA ASP B 192 -5.42 -10.66 -4.48
C ASP B 192 -6.12 -10.70 -5.84
N SER B 193 -5.55 -9.99 -6.81
CA SER B 193 -6.17 -9.95 -8.13
C SER B 193 -6.14 -11.30 -8.84
N LYS B 194 -5.23 -12.20 -8.47
CA LYS B 194 -5.14 -13.45 -9.21
C LYS B 194 -6.38 -14.32 -9.00
N ASP B 195 -6.87 -14.40 -7.76
CA ASP B 195 -7.94 -15.35 -7.45
C ASP B 195 -9.01 -14.75 -6.55
N SER B 196 -8.93 -13.46 -6.27
CA SER B 196 -9.90 -12.71 -5.48
C SER B 196 -9.95 -13.18 -4.04
N THR B 197 -8.88 -13.76 -3.55
CA THR B 197 -8.80 -14.16 -2.15
C THR B 197 -8.06 -13.12 -1.30
N TYR B 198 -8.19 -13.33 0.02
CA TYR B 198 -7.42 -12.67 1.06
C TYR B 198 -6.41 -13.64 1.64
N SER B 199 -5.43 -13.09 2.35
CA SER B 199 -4.49 -13.89 3.12
C SER B 199 -4.23 -13.12 4.41
N MET B 200 -3.83 -13.84 5.44
CA MET B 200 -3.59 -13.21 6.73
C MET B 200 -2.39 -13.86 7.38
N SER B 201 -1.63 -13.06 8.10
CA SER B 201 -0.55 -13.55 8.95
C SER B 201 -0.96 -13.34 10.41
N SER B 202 -0.77 -14.36 11.24
CA SER B 202 -0.99 -14.27 12.69
C SER B 202 0.31 -14.65 13.38
N THR B 203 0.87 -13.76 14.17
CA THR B 203 2.16 -13.99 14.79
C THR B 203 2.00 -13.90 16.30
N LEU B 204 2.45 -14.93 17.00
CA LEU B 204 2.45 -14.97 18.46
C LEU B 204 3.88 -14.73 18.89
N THR B 205 4.14 -13.59 19.54
CA THR B 205 5.51 -13.31 19.96
C THR B 205 5.58 -13.43 21.48
N LEU B 206 6.45 -14.32 21.91
CA LEU B 206 6.78 -14.55 23.30
C LEU B 206 8.22 -14.13 23.49
N THR B 207 8.63 -14.03 24.73
CA THR B 207 10.05 -14.03 24.98
C THR B 207 10.60 -15.43 24.85
N LYS B 208 11.92 -15.53 24.61
CA LYS B 208 12.53 -16.84 24.60
C LYS B 208 12.26 -17.56 25.92
N ASP B 209 12.29 -16.80 27.01
CA ASP B 209 12.10 -17.33 28.35
C ASP B 209 10.78 -18.06 28.48
N GLU B 210 9.68 -17.43 28.05
CA GLU B 210 8.41 -18.12 28.17
C GLU B 210 8.28 -19.22 27.13
N TYR B 211 8.79 -18.97 25.91
CA TYR B 211 8.73 -19.99 24.85
C TYR B 211 9.37 -21.29 25.28
N GLU B 212 10.53 -21.21 25.95
CA GLU B 212 11.24 -22.41 26.33
C GLU B 212 10.61 -23.13 27.54
N ARG B 213 9.51 -22.62 28.07
CA ARG B 213 8.79 -23.25 29.17
C ARG B 213 7.51 -23.94 28.72
N HIS B 214 7.22 -23.97 27.42
CA HIS B 214 6.01 -24.59 26.92
C HIS B 214 6.40 -25.45 25.72
N ASN B 215 5.56 -26.42 25.39
CA ASN B 215 5.92 -27.41 24.39
C ASN B 215 5.12 -27.33 23.10
N SER B 216 3.80 -27.16 23.17
CA SER B 216 2.94 -27.29 22.01
C SER B 216 2.33 -25.94 21.69
N TYR B 217 2.45 -25.53 20.44
CA TYR B 217 1.97 -24.24 19.96
C TYR B 217 1.06 -24.49 18.77
N THR B 218 -0.17 -23.98 18.84
CA THR B 218 -1.19 -24.32 17.86
C THR B 218 -1.88 -23.07 17.41
N CYS B 219 -2.04 -22.91 16.09
CA CYS B 219 -2.96 -21.88 15.58
C CYS B 219 -4.18 -22.57 15.00
N GLU B 220 -5.35 -22.06 15.36
CA GLU B 220 -6.64 -22.61 14.99
C GLU B 220 -7.40 -21.53 14.23
N ALA B 221 -7.76 -21.82 12.99
CA ALA B 221 -8.44 -20.87 12.12
C ALA B 221 -9.90 -21.29 11.99
N THR B 222 -10.81 -20.39 12.31
CA THR B 222 -12.23 -20.62 12.12
C THR B 222 -12.73 -19.69 11.03
N HIS B 223 -13.29 -20.28 10.00
CA HIS B 223 -13.73 -19.62 8.79
C HIS B 223 -15.06 -20.19 8.36
N LYS B 224 -15.85 -19.38 7.64
CA LYS B 224 -17.20 -19.74 7.21
C LYS B 224 -17.25 -21.08 6.48
N THR B 225 -16.17 -21.47 5.82
CA THR B 225 -16.13 -22.64 4.96
C THR B 225 -16.21 -23.96 5.71
N SER B 226 -16.08 -23.97 7.04
CA SER B 226 -16.29 -25.21 7.77
C SER B 226 -16.60 -24.89 9.21
N THR B 227 -17.50 -25.68 9.80
CA THR B 227 -17.80 -25.52 11.21
C THR B 227 -16.64 -25.98 12.06
N SER B 228 -15.72 -26.76 11.48
CA SER B 228 -14.53 -27.24 12.19
C SER B 228 -13.35 -26.30 11.93
N PRO B 229 -12.60 -25.93 12.96
CA PRO B 229 -11.40 -25.11 12.74
C PRO B 229 -10.32 -25.88 12.02
N ILE B 230 -9.49 -25.12 11.28
CA ILE B 230 -8.32 -25.67 10.64
C ILE B 230 -7.18 -25.46 11.62
N VAL B 231 -6.52 -26.53 12.00
CA VAL B 231 -5.54 -26.49 13.10
C VAL B 231 -4.18 -26.88 12.54
N LYS B 232 -3.15 -26.08 12.85
CA LYS B 232 -1.77 -26.46 12.63
C LYS B 232 -1.00 -26.32 13.94
N SER B 233 -0.02 -27.18 14.14
CA SER B 233 0.62 -27.27 15.45
C SER B 233 2.10 -27.58 15.30
N PHE B 234 2.90 -26.97 16.17
CA PHE B 234 4.33 -27.17 16.25
C PHE B 234 4.67 -27.60 17.67
N ASN B 235 5.50 -28.65 17.82
CA ASN B 235 5.98 -29.09 19.12
C ASN B 235 7.48 -28.83 19.27
N ARG B 236 7.88 -28.19 20.38
CA ARG B 236 9.29 -27.89 20.56
C ARG B 236 10.15 -29.15 20.54
N ASN B 237 9.58 -30.29 20.95
CA ASN B 237 10.16 -31.62 20.71
C ASN B 237 10.13 -31.92 19.20
N GLU B 238 11.04 -31.28 18.48
CA GLU B 238 11.01 -31.25 17.03
C GLU B 238 11.67 -32.47 16.43
C ACE C 1 -4.03 17.72 -19.11
O ACE C 1 -4.73 18.68 -19.00
CH3 ACE C 1 -2.54 17.83 -18.75
H1 ACE C 1 -2.00 17.53 -19.49
H2 ACE C 1 -2.37 17.28 -17.97
H3 ACE C 1 -2.33 18.75 -18.55
N VAL C 2 -4.59 16.46 -19.57
CA VAL C 2 -6.01 16.38 -19.92
C VAL C 2 -6.90 16.73 -18.72
N THR C 3 -6.29 16.76 -17.54
CA THR C 3 -7.04 16.98 -16.34
C THR C 3 -7.04 18.44 -15.90
N SER C 4 -6.19 19.27 -16.53
CA SER C 4 -6.01 20.64 -16.08
C SER C 4 -7.09 21.57 -16.68
N ALA C 5 -7.67 22.40 -15.84
CA ALA C 5 -8.62 23.38 -16.31
C ALA C 5 -7.96 24.75 -16.41
N PRO C 6 -8.43 25.63 -17.28
CA PRO C 6 -7.88 26.99 -17.32
C PRO C 6 -8.30 27.77 -16.10
N ASP C 7 -7.36 28.53 -15.52
CA ASP C 7 -7.65 29.32 -14.35
C ASP C 7 -8.55 30.51 -14.69
N THR C 8 -9.39 30.86 -13.72
CA THR C 8 -10.20 32.07 -13.78
C THR C 8 -9.64 33.06 -12.76
N ARG C 9 -9.51 34.32 -13.16
CA ARG C 9 -8.77 35.32 -12.40
C ARG C 9 -9.46 36.65 -12.54
N PRO C 10 -10.58 36.86 -11.84
CA PRO C 10 -11.29 38.14 -11.92
C PRO C 10 -10.59 39.22 -11.13
N ALA C 11 -10.51 40.41 -11.72
CA ALA C 11 -10.01 41.60 -11.01
C ALA C 11 -11.11 42.14 -10.08
O5 A2G D . -13.86 30.30 -11.78
C1 A2G D . -12.85 31.17 -11.39
C2 A2G D . -12.57 30.99 -9.90
N2 A2G D . -11.61 31.98 -9.44
C3 A2G D . -12.04 29.56 -9.70
O3 A2G D . -11.87 29.37 -8.33
C4 A2G D . -13.07 28.59 -10.25
O4 A2G D . -14.18 28.67 -9.41
C5 A2G D . -13.48 28.94 -11.66
C6 A2G D . -14.66 28.11 -12.13
O6 A2G D . -14.87 28.36 -13.49
C7 A2G D . -12.03 32.97 -8.44
O7 A2G D . -13.13 32.96 -7.99
C8 A2G D . -11.03 34.02 -7.96
H1 A2G D . -13.14 32.09 -11.56
H2 A2G D . -13.37 31.11 -9.38
HN2 A2G D . -10.80 31.99 -9.75
H3 A2G D . -11.20 29.42 -10.16
HO3 A2G D . -12.38 29.89 -7.91
H4 A2G D . -12.71 27.68 -10.27
HO4 A2G D . -13.94 28.55 -8.60
H5 A2G D . -12.69 28.76 -12.22
H61 A2G D . -15.45 28.36 -11.61
H81 A2G D . -11.50 34.86 -7.82
H82 A2G D . -10.65 33.73 -7.12
H83 A2G D . -10.34 34.14 -8.62
H62 A2G D . -14.48 27.17 -12.00
HO6 A2G D . -14.12 28.43 -13.87
#